data_1XVY
#
_entry.id   1XVY
#
_cell.length_a   46.046
_cell.length_b   65.392
_cell.length_c   50.266
_cell.angle_alpha   90.00
_cell.angle_beta   111.90
_cell.angle_gamma   90.00
#
_symmetry.space_group_name_H-M   'P 1 21 1'
#
loop_
_entity.id
_entity.type
_entity.pdbx_description
1 polymer sfuA
2 non-polymer 'CITRIC ACID'
3 water water
#
_entity_poly.entity_id   1
_entity_poly.type   'polypeptide(L)'
_entity_poly.pdbx_seq_one_letter_code
;DQGIVIYNAQHENLVKSWVDGFTKDTGIKVTLRNGGDSELGNQLVQEGSASPADVFLTENSPAMVLVDNAKLFAPLDAAT
LAQVEPQYRPSHGRWIGIAARSTVFVYNPAKLSDAQLPKSLLDLAKPEWKGRWAASPSGADFQAIVSALLELKGEKATLA
WLKAMKTNFTAYKGNSTVMKAVNAGQVDSGVIYHYYPFVDGAKTGENSNNIKLYYFKHQDPGAFVSISGGGVLASSKHQQ
QAQAFIKWITGKQGQEILRTNNAFEYAVGVGAASNPKLVPLKDLDAPKVDAAQLNSKKVVELMTEAGLL
;
_entity_poly.pdbx_strand_id   A
#
# COMPACT_ATOMS: atom_id res chain seq x y z
N GLY A 3 -11.21 24.89 -8.49
CA GLY A 3 -10.93 23.79 -7.52
C GLY A 3 -9.58 23.12 -7.79
N ILE A 4 -9.46 21.85 -7.38
CA ILE A 4 -8.17 21.16 -7.42
C ILE A 4 -8.22 19.87 -8.28
N VAL A 5 -7.07 19.51 -8.84
CA VAL A 5 -6.93 18.29 -9.62
C VAL A 5 -6.14 17.32 -8.76
N ILE A 6 -6.68 16.13 -8.58
CA ILE A 6 -6.00 15.12 -7.83
C ILE A 6 -5.59 13.97 -8.76
N TYR A 7 -4.29 13.68 -8.83
CA TYR A 7 -3.82 12.42 -9.41
C TYR A 7 -4.03 11.35 -8.35
N ASN A 8 -5.06 10.53 -8.55
CA ASN A 8 -5.51 9.60 -7.54
C ASN A 8 -5.17 8.15 -7.88
N ALA A 9 -4.21 7.58 -7.14
CA ALA A 9 -3.92 6.16 -7.26
C ALA A 9 -4.54 5.35 -6.12
N GLN A 10 -5.24 6.02 -5.19
CA GLN A 10 -6.00 5.29 -4.19
C GLN A 10 -7.30 4.73 -4.77
N HIS A 11 -7.94 3.85 -4.02
CA HIS A 11 -9.18 3.23 -4.44
C HIS A 11 -10.25 4.31 -4.62
N GLU A 12 -11.01 4.21 -5.71
CA GLU A 12 -12.03 5.19 -6.06
C GLU A 12 -13.17 5.33 -5.05
N ASN A 13 -13.64 4.22 -4.48
CA ASN A 13 -14.68 4.30 -3.46
C ASN A 13 -14.24 5.18 -2.28
N LEU A 14 -13.05 4.91 -1.77
CA LEU A 14 -12.51 5.67 -0.64
C LEU A 14 -12.40 7.15 -1.00
N VAL A 15 -11.78 7.43 -2.14
CA VAL A 15 -11.54 8.82 -2.53
C VAL A 15 -12.84 9.58 -2.83
N LYS A 16 -13.83 8.89 -3.40
CA LYS A 16 -15.17 9.47 -3.60
C LYS A 16 -15.77 9.90 -2.26
N SER A 17 -15.69 9.04 -1.23
CA SER A 17 -16.16 9.40 0.10
C SER A 17 -15.45 10.64 0.66
N TRP A 18 -14.11 10.67 0.51
CA TRP A 18 -13.35 11.80 0.98
C TRP A 18 -13.73 13.10 0.27
N VAL A 19 -13.82 13.00 -1.06
CA VAL A 19 -14.16 14.18 -1.88
C VAL A 19 -15.58 14.65 -1.52
N ASP A 20 -16.52 13.70 -1.41
CA ASP A 20 -17.87 14.03 -0.94
C ASP A 20 -17.82 14.92 0.33
N GLY A 21 -17.09 14.47 1.35
CA GLY A 21 -17.05 15.22 2.61
C GLY A 21 -16.31 16.53 2.46
N PHE A 22 -15.18 16.48 1.76
CA PHE A 22 -14.33 17.67 1.61
C PHE A 22 -15.08 18.81 0.88
N THR A 23 -15.66 18.50 -0.27
CA THR A 23 -16.36 19.51 -1.06
C THR A 23 -17.59 20.01 -0.29
N LYS A 24 -18.30 19.10 0.37
CA LYS A 24 -19.45 19.51 1.18
C LYS A 24 -19.04 20.50 2.30
N ASP A 25 -17.92 20.20 2.96
CA ASP A 25 -17.46 21.01 4.08
C ASP A 25 -16.79 22.32 3.68
N THR A 26 -16.14 22.34 2.52
CA THR A 26 -15.27 23.47 2.14
C THR A 26 -15.77 24.22 0.91
N GLY A 27 -16.59 23.57 0.10
CA GLY A 27 -17.02 24.11 -1.17
C GLY A 27 -15.96 23.99 -2.26
N ILE A 28 -14.78 23.48 -1.92
CA ILE A 28 -13.69 23.32 -2.89
C ILE A 28 -13.97 22.13 -3.80
N LYS A 29 -14.09 22.39 -5.10
CA LYS A 29 -14.34 21.33 -6.06
C LYS A 29 -13.08 20.55 -6.37
N VAL A 30 -13.28 19.28 -6.67
CA VAL A 30 -12.20 18.33 -6.88
C VAL A 30 -12.46 17.59 -8.18
N THR A 31 -11.40 17.44 -8.96
CA THR A 31 -11.43 16.64 -10.18
C THR A 31 -10.41 15.54 -10.01
N LEU A 32 -10.86 14.30 -10.21
CA LEU A 32 -9.99 13.13 -10.09
C LEU A 32 -9.45 12.66 -11.43
N ARG A 33 -8.15 12.41 -11.48
CA ARG A 33 -7.55 11.64 -12.56
C ARG A 33 -7.08 10.34 -11.91
N ASN A 34 -7.82 9.26 -12.17
CA ASN A 34 -7.54 7.98 -11.52
C ASN A 34 -6.53 7.15 -12.31
N GLY A 35 -5.67 6.47 -11.57
CA GLY A 35 -4.64 5.62 -12.14
C GLY A 35 -3.97 4.75 -11.11
N GLY A 36 -2.90 4.09 -11.52
CA GLY A 36 -2.15 3.21 -10.63
C GLY A 36 -0.99 3.98 -10.02
N ASP A 37 -0.44 3.45 -8.93
CA ASP A 37 0.69 4.12 -8.23
C ASP A 37 1.85 4.46 -9.16
N SER A 38 2.29 3.46 -9.93
CA SER A 38 3.56 3.60 -10.68
C SER A 38 3.32 4.48 -11.89
N GLU A 39 2.17 4.29 -12.52
CA GLU A 39 1.79 5.04 -13.71
C GLU A 39 1.70 6.53 -13.39
N LEU A 40 0.97 6.87 -12.33
CA LEU A 40 0.80 8.27 -11.95
C LEU A 40 2.10 8.90 -11.41
N GLY A 41 2.87 8.13 -10.62
CA GLY A 41 4.19 8.57 -10.11
C GLY A 41 5.10 8.90 -11.28
N ASN A 42 5.21 7.97 -12.24
CA ASN A 42 6.00 8.19 -13.46
C ASN A 42 5.52 9.40 -14.26
N GLN A 43 4.20 9.52 -14.39
CA GLN A 43 3.58 10.64 -15.09
C GLN A 43 3.95 11.97 -14.44
N LEU A 44 3.92 12.03 -13.11
CA LEU A 44 4.29 13.26 -12.41
C LEU A 44 5.76 13.62 -12.64
N VAL A 45 6.65 12.62 -12.58
CA VAL A 45 8.09 12.88 -12.81
C VAL A 45 8.30 13.41 -14.24
N GLN A 46 7.61 12.82 -15.19
CA GLN A 46 7.73 13.27 -16.58
C GLN A 46 7.22 14.69 -16.74
N GLU A 47 6.04 14.96 -16.17
CA GLU A 47 5.39 16.27 -16.24
C GLU A 47 6.16 17.34 -15.46
N GLY A 48 6.73 16.95 -14.32
CA GLY A 48 7.49 17.85 -13.46
C GLY A 48 6.65 19.09 -13.18
N SER A 49 7.29 20.25 -13.26
CA SER A 49 6.62 21.53 -12.92
C SER A 49 5.45 21.90 -13.84
N ALA A 50 5.35 21.22 -14.98
CA ALA A 50 4.27 21.44 -15.93
C ALA A 50 2.98 20.69 -15.59
N SER A 51 3.02 19.82 -14.59
CA SER A 51 1.85 19.01 -14.23
C SER A 51 0.65 19.89 -13.84
N PRO A 52 -0.57 19.50 -14.29
CA PRO A 52 -1.76 20.14 -13.76
C PRO A 52 -2.15 19.67 -12.33
N ALA A 53 -1.48 18.65 -11.82
CA ALA A 53 -1.87 18.03 -10.55
C ALA A 53 -1.64 18.96 -9.35
N ASP A 54 -2.62 19.06 -8.47
CA ASP A 54 -2.46 19.78 -7.22
C ASP A 54 -2.07 18.84 -6.08
N VAL A 55 -2.65 17.65 -6.12
CA VAL A 55 -2.45 16.62 -5.08
C VAL A 55 -2.16 15.26 -5.75
N PHE A 56 -1.32 14.44 -5.09
CA PHE A 56 -1.06 13.06 -5.49
C PHE A 56 -1.41 12.18 -4.30
N LEU A 57 -2.22 11.14 -4.55
CA LEU A 57 -2.60 10.14 -3.55
C LEU A 57 -2.17 8.78 -4.07
N THR A 58 -1.63 7.94 -3.20
CA THR A 58 -1.18 6.63 -3.60
C THR A 58 -1.69 5.55 -2.67
N GLU A 59 -1.71 4.32 -3.18
CA GLU A 59 -1.96 3.19 -2.29
C GLU A 59 -0.72 2.81 -1.47
N ASN A 60 0.46 2.97 -2.06
CA ASN A 60 1.74 2.57 -1.41
C ASN A 60 2.78 3.69 -1.44
N SER A 61 3.85 3.52 -0.69
CA SER A 61 4.84 4.60 -0.52
C SER A 61 5.87 4.79 -1.64
N PRO A 62 6.29 3.69 -2.33
CA PRO A 62 7.36 3.93 -3.30
C PRO A 62 7.10 5.00 -4.37
N ALA A 63 5.84 5.17 -4.82
CA ALA A 63 5.54 6.23 -5.76
C ALA A 63 5.64 7.62 -5.12
N MET A 64 5.36 7.73 -3.82
CA MET A 64 5.57 9.00 -3.09
C MET A 64 7.06 9.34 -3.07
N VAL A 65 7.88 8.34 -2.75
CA VAL A 65 9.33 8.56 -2.66
C VAL A 65 9.90 8.98 -4.02
N LEU A 66 9.40 8.36 -5.08
CA LEU A 66 9.82 8.65 -6.44
C LEU A 66 9.58 10.15 -6.76
N VAL A 67 8.35 10.60 -6.49
CA VAL A 67 7.94 11.98 -6.78
C VAL A 67 8.69 12.93 -5.87
N ASP A 68 8.87 12.53 -4.60
CA ASP A 68 9.64 13.34 -3.65
C ASP A 68 11.10 13.49 -4.07
N ASN A 69 11.69 12.40 -4.56
CA ASN A 69 13.10 12.42 -4.98
C ASN A 69 13.30 13.34 -6.18
N ALA A 70 12.24 13.52 -6.97
CA ALA A 70 12.21 14.44 -8.11
C ALA A 70 12.00 15.90 -7.67
N LYS A 71 11.94 16.13 -6.35
CA LYS A 71 11.75 17.46 -5.75
C LYS A 71 10.42 18.13 -6.13
N LEU A 72 9.37 17.33 -6.32
CA LEU A 72 8.10 17.87 -6.84
C LEU A 72 7.06 18.20 -5.78
N PHE A 73 7.32 17.78 -4.53
CA PHE A 73 6.36 18.04 -3.45
C PHE A 73 6.68 19.32 -2.69
N ALA A 74 5.62 20.07 -2.38
CA ALA A 74 5.68 21.18 -1.44
C ALA A 74 5.74 20.62 -0.01
N PRO A 75 6.46 21.31 0.90
CA PRO A 75 6.40 20.85 2.28
C PRO A 75 4.99 20.96 2.81
N LEU A 76 4.53 19.94 3.53
CA LEU A 76 3.20 20.00 4.12
C LEU A 76 3.25 20.85 5.39
N ASP A 77 2.15 21.56 5.66
CA ASP A 77 2.03 22.37 6.88
C ASP A 77 2.26 21.49 8.12
N ALA A 78 3.05 21.99 9.07
CA ALA A 78 3.29 21.30 10.35
C ALA A 78 1.99 20.84 11.01
N ALA A 79 0.97 21.70 11.00
CA ALA A 79 -0.32 21.41 11.61
C ALA A 79 -1.01 20.20 10.99
N THR A 80 -0.83 20.02 9.68
CA THR A 80 -1.30 18.81 8.99
C THR A 80 -0.51 17.59 9.43
N LEU A 81 0.82 17.71 9.40
CA LEU A 81 1.69 16.61 9.79
C LEU A 81 1.37 16.05 11.16
N ALA A 82 1.08 16.96 12.11
CA ALA A 82 0.82 16.59 13.51
C ALA A 82 -0.43 15.69 13.62
N GLN A 83 -1.29 15.71 12.60
CA GLN A 83 -2.53 14.89 12.64
C GLN A 83 -2.30 13.40 12.52
N VAL A 84 -1.15 13.02 11.97
CA VAL A 84 -0.85 11.62 11.66
C VAL A 84 0.28 11.12 12.58
N GLU A 85 0.20 9.85 13.01
CA GLU A 85 1.23 9.29 13.89
C GLU A 85 2.55 9.37 13.18
N PRO A 86 3.63 9.76 13.90
CA PRO A 86 4.96 9.85 13.29
C PRO A 86 5.39 8.59 12.51
N GLN A 87 5.02 7.40 12.98
CA GLN A 87 5.46 6.15 12.29
C GLN A 87 4.84 5.97 10.89
N TYR A 88 3.84 6.79 10.56
CA TYR A 88 3.14 6.73 9.28
C TYR A 88 3.32 7.99 8.43
N ARG A 89 4.42 8.70 8.65
CA ARG A 89 4.76 9.85 7.82
C ARG A 89 6.30 10.01 7.77
N PRO A 90 6.84 10.33 6.58
CA PRO A 90 8.30 10.50 6.46
C PRO A 90 8.76 11.72 7.28
N SER A 91 9.91 11.61 7.94
CA SER A 91 10.41 12.67 8.81
C SER A 91 10.61 14.05 8.13
N HIS A 92 10.88 14.05 6.83
CA HIS A 92 11.08 15.30 6.06
C HIS A 92 9.81 16.14 5.86
N GLY A 93 8.64 15.53 6.01
CA GLY A 93 7.35 16.26 5.96
C GLY A 93 6.87 16.75 4.61
N ARG A 94 7.45 16.24 3.50
CA ARG A 94 6.99 16.60 2.15
C ARG A 94 5.91 15.66 1.60
N TRP A 95 5.56 14.63 2.37
CA TRP A 95 4.28 13.94 2.12
C TRP A 95 3.86 13.29 3.44
N ILE A 96 2.64 12.77 3.46
CA ILE A 96 2.06 12.22 4.69
C ILE A 96 1.32 10.90 4.43
N GLY A 97 1.35 10.00 5.41
CA GLY A 97 0.54 8.79 5.38
C GLY A 97 -0.92 9.24 5.45
N ILE A 98 -1.76 8.58 4.67
CA ILE A 98 -3.22 8.83 4.70
C ILE A 98 -4.06 7.59 5.06
N ALA A 99 -3.42 6.42 4.99
CA ALA A 99 -4.01 5.12 5.34
C ALA A 99 -2.86 4.12 5.30
N ALA A 100 -3.11 2.92 5.82
CA ALA A 100 -2.10 1.85 5.75
C ALA A 100 -2.73 0.49 5.51
N ARG A 101 -1.89 -0.43 5.02
CA ARG A 101 -2.32 -1.80 4.80
C ARG A 101 -1.23 -2.73 5.28
N SER A 102 -1.64 -3.91 5.78
CA SER A 102 -0.68 -4.89 6.22
C SER A 102 -0.42 -5.97 5.16
N THR A 103 0.85 -6.30 4.96
CA THR A 103 1.23 -7.51 4.24
C THR A 103 0.61 -8.69 4.99
N VAL A 104 0.18 -9.70 4.24
CA VAL A 104 -0.42 -10.88 4.86
C VAL A 104 -0.13 -12.09 4.00
N PHE A 105 -0.14 -13.24 4.62
CA PHE A 105 -0.01 -14.52 3.95
C PHE A 105 -1.40 -15.12 4.00
N VAL A 106 -2.09 -15.12 2.86
CA VAL A 106 -3.40 -15.75 2.75
C VAL A 106 -3.18 -17.23 2.41
N TYR A 107 -3.93 -18.11 3.05
CA TYR A 107 -3.79 -19.55 2.75
C TYR A 107 -5.10 -20.30 2.91
N ASN A 108 -5.14 -21.45 2.25
CA ASN A 108 -6.32 -22.30 2.31
C ASN A 108 -5.99 -23.43 3.30
N PRO A 109 -6.68 -23.44 4.47
CA PRO A 109 -6.37 -24.43 5.50
C PRO A 109 -6.61 -25.88 5.07
N ALA A 110 -7.34 -26.08 3.98
CA ALA A 110 -7.53 -27.42 3.38
C ALA A 110 -6.30 -27.88 2.64
N LYS A 111 -5.50 -26.92 2.17
CA LYS A 111 -4.34 -27.17 1.31
C LYS A 111 -3.02 -27.00 2.06
N LEU A 112 -3.04 -26.18 3.10
CA LEU A 112 -1.82 -25.96 3.88
C LEU A 112 -2.10 -26.06 5.36
N SER A 113 -1.39 -27.00 5.99
CA SER A 113 -1.47 -27.23 7.43
C SER A 113 -0.97 -26.02 8.19
N ASP A 114 -1.59 -25.74 9.32
CA ASP A 114 -1.09 -24.70 10.23
C ASP A 114 0.34 -24.91 10.74
N ALA A 115 0.73 -26.17 10.94
CA ALA A 115 2.09 -26.48 11.38
C ALA A 115 3.12 -26.06 10.33
N GLN A 116 2.66 -25.92 9.09
CA GLN A 116 3.55 -25.67 7.96
C GLN A 116 3.65 -24.19 7.58
N LEU A 117 2.94 -23.32 8.31
CA LEU A 117 3.02 -21.88 8.04
C LEU A 117 4.44 -21.35 8.18
N PRO A 118 4.85 -20.41 7.30
CA PRO A 118 6.24 -19.95 7.29
C PRO A 118 6.53 -19.02 8.48
N LYS A 119 7.71 -19.11 9.09
CA LYS A 119 8.07 -18.15 10.14
C LYS A 119 8.44 -16.77 9.57
N SER A 120 8.85 -16.75 8.30
CA SER A 120 9.39 -15.54 7.70
C SER A 120 9.06 -15.50 6.22
N LEU A 121 8.85 -14.30 5.69
CA LEU A 121 8.76 -14.11 4.25
C LEU A 121 9.96 -14.76 3.53
N LEU A 122 11.14 -14.69 4.15
CA LEU A 122 12.36 -15.25 3.56
C LEU A 122 12.26 -16.76 3.34
N ASP A 123 11.42 -17.43 4.14
CA ASP A 123 11.24 -18.88 4.01
C ASP A 123 10.65 -19.29 2.68
N LEU A 124 9.88 -18.39 2.07
CA LEU A 124 9.24 -18.69 0.78
C LEU A 124 10.22 -18.96 -0.38
N ALA A 125 11.50 -18.59 -0.18
CA ALA A 125 12.58 -18.88 -1.09
C ALA A 125 13.07 -20.35 -0.99
N LYS A 126 12.74 -21.04 0.11
CA LYS A 126 13.32 -22.37 0.35
C LYS A 126 12.68 -23.37 -0.60
N PRO A 127 13.44 -24.41 -0.99
CA PRO A 127 12.81 -25.41 -1.88
C PRO A 127 11.51 -26.03 -1.33
N GLU A 128 11.34 -26.11 0.01
CA GLU A 128 10.11 -26.66 0.61
C GLU A 128 8.83 -25.93 0.15
N TRP A 129 9.01 -24.68 -0.30
CA TRP A 129 7.92 -23.79 -0.69
C TRP A 129 7.62 -23.78 -2.19
N LYS A 130 8.40 -24.55 -2.96
CA LYS A 130 8.17 -24.62 -4.41
C LYS A 130 6.76 -25.08 -4.77
N GLY A 131 6.08 -24.29 -5.61
CA GLY A 131 4.73 -24.58 -6.07
C GLY A 131 3.61 -24.27 -5.11
N ARG A 132 3.93 -23.73 -3.91
CA ARG A 132 2.93 -23.56 -2.86
C ARG A 132 2.33 -22.15 -2.73
N TRP A 133 2.92 -21.16 -3.40
CA TRP A 133 2.50 -19.79 -3.15
C TRP A 133 2.41 -18.92 -4.38
N ALA A 134 1.55 -17.91 -4.30
CA ALA A 134 1.23 -17.05 -5.43
C ALA A 134 1.45 -15.57 -5.06
N ALA A 135 1.63 -14.74 -6.07
CA ALA A 135 1.68 -13.29 -5.85
C ALA A 135 1.30 -12.63 -7.16
N SER A 136 1.09 -11.32 -7.13
CA SER A 136 0.85 -10.55 -8.35
C SER A 136 2.02 -9.56 -8.53
N PRO A 137 3.13 -10.01 -9.17
CA PRO A 137 4.37 -9.22 -9.20
C PRO A 137 4.29 -7.92 -10.00
N SER A 138 3.33 -7.82 -10.93
CA SER A 138 3.26 -6.65 -11.81
C SER A 138 2.71 -5.40 -11.13
N GLY A 139 2.10 -5.56 -9.95
CA GLY A 139 1.46 -4.45 -9.24
C GLY A 139 2.32 -3.69 -8.26
N ALA A 140 1.94 -2.44 -8.02
CA ALA A 140 2.62 -1.59 -7.05
C ALA A 140 2.54 -2.17 -5.64
N ASP A 141 1.47 -2.89 -5.35
CA ASP A 141 1.26 -3.46 -4.00
C ASP A 141 2.42 -4.41 -3.66
N PHE A 142 2.59 -5.43 -4.49
CA PHE A 142 3.64 -6.42 -4.25
C PHE A 142 5.01 -5.79 -4.36
N GLN A 143 5.17 -4.89 -5.32
CA GLN A 143 6.47 -4.24 -5.51
C GLN A 143 6.87 -3.40 -4.29
N ALA A 144 5.86 -2.90 -3.59
CA ALA A 144 6.16 -2.16 -2.37
C ALA A 144 6.64 -3.09 -1.24
N ILE A 145 6.05 -4.30 -1.15
CA ILE A 145 6.59 -5.34 -0.26
C ILE A 145 8.07 -5.61 -0.59
N VAL A 146 8.37 -5.80 -1.88
CA VAL A 146 9.77 -6.01 -2.32
C VAL A 146 10.69 -4.80 -1.98
N SER A 147 10.17 -3.57 -2.09
CA SER A 147 10.96 -2.39 -1.72
C SER A 147 11.33 -2.39 -0.23
N ALA A 148 10.39 -2.87 0.60
CA ALA A 148 10.63 -3.02 2.04
C ALA A 148 11.69 -4.07 2.32
N LEU A 149 11.61 -5.19 1.60
CA LEU A 149 12.59 -6.28 1.69
C LEU A 149 13.96 -5.74 1.33
N LEU A 150 13.99 -4.96 0.25
CA LEU A 150 15.24 -4.36 -0.24
C LEU A 150 15.85 -3.43 0.82
N GLU A 151 15.02 -2.55 1.38
CA GLU A 151 15.47 -1.60 2.41
C GLU A 151 15.99 -2.35 3.64
N LEU A 152 15.26 -3.38 4.04
CA LEU A 152 15.57 -4.11 5.27
C LEU A 152 16.79 -5.03 5.14
N LYS A 153 16.94 -5.69 3.98
CA LYS A 153 17.87 -6.81 3.88
C LYS A 153 19.02 -6.60 2.88
N GLY A 154 18.90 -5.56 2.05
CA GLY A 154 19.95 -5.21 1.10
C GLY A 154 19.76 -5.89 -0.25
N GLU A 155 20.43 -5.36 -1.26
CA GLU A 155 20.27 -5.86 -2.63
C GLU A 155 20.61 -7.35 -2.83
N LYS A 156 21.70 -7.81 -2.22
CA LYS A 156 22.15 -9.18 -2.47
C LYS A 156 21.08 -10.18 -1.97
N ALA A 157 20.62 -10.00 -0.73
CA ALA A 157 19.62 -10.88 -0.10
C ALA A 157 18.31 -10.80 -0.86
N THR A 158 17.97 -9.59 -1.33
CA THR A 158 16.71 -9.36 -2.03
C THR A 158 16.72 -10.05 -3.37
N LEU A 159 17.80 -9.87 -4.15
CA LEU A 159 17.91 -10.52 -5.45
C LEU A 159 17.83 -12.03 -5.31
N ALA A 160 18.53 -12.57 -4.31
CA ALA A 160 18.54 -14.01 -4.04
C ALA A 160 17.11 -14.49 -3.77
N TRP A 161 16.38 -13.77 -2.91
CA TRP A 161 14.98 -14.10 -2.63
C TRP A 161 14.12 -14.04 -3.89
N LEU A 162 14.33 -13.02 -4.73
CA LEU A 162 13.53 -12.86 -5.94
C LEU A 162 13.78 -13.96 -6.97
N LYS A 163 15.05 -14.37 -7.11
CA LYS A 163 15.41 -15.49 -7.98
C LYS A 163 14.74 -16.78 -7.52
N ALA A 164 14.76 -17.02 -6.20
CA ALA A 164 14.08 -18.17 -5.60
C ALA A 164 12.55 -18.11 -5.81
N MET A 165 11.98 -16.91 -5.68
CA MET A 165 10.55 -16.67 -5.96
C MET A 165 10.20 -17.07 -7.40
N LYS A 166 11.03 -16.66 -8.36
CA LYS A 166 10.86 -17.09 -9.75
C LYS A 166 10.73 -18.63 -9.86
N THR A 167 11.56 -19.35 -9.13
CA THR A 167 11.52 -20.82 -9.09
C THR A 167 10.25 -21.34 -8.41
N ASN A 168 9.86 -20.69 -7.31
CA ASN A 168 8.86 -21.27 -6.42
C ASN A 168 7.41 -20.81 -6.62
N PHE A 169 7.22 -19.57 -7.06
CA PHE A 169 5.89 -18.97 -7.00
C PHE A 169 5.06 -19.14 -8.29
N THR A 170 3.78 -18.81 -8.18
CA THR A 170 2.88 -18.78 -9.32
C THR A 170 2.31 -17.38 -9.44
N ALA A 171 2.41 -16.78 -10.62
CA ALA A 171 1.92 -15.42 -10.84
C ALA A 171 0.42 -15.41 -11.19
N TYR A 172 -0.31 -14.44 -10.64
CA TYR A 172 -1.67 -14.11 -11.10
C TYR A 172 -1.72 -12.61 -11.35
N LYS A 173 -2.59 -12.19 -12.27
CA LYS A 173 -2.77 -10.77 -12.55
C LYS A 173 -3.80 -10.22 -11.58
N GLY A 174 -3.28 -9.62 -10.52
CA GLY A 174 -4.08 -8.92 -9.54
C GLY A 174 -4.16 -9.71 -8.24
N ASN A 175 -4.09 -8.99 -7.14
CA ASN A 175 -4.22 -9.61 -5.82
C ASN A 175 -5.59 -10.24 -5.51
N SER A 176 -6.67 -9.66 -6.02
CA SER A 176 -7.96 -10.33 -5.83
C SER A 176 -7.97 -11.67 -6.56
N THR A 177 -7.30 -11.72 -7.71
CA THR A 177 -7.10 -12.98 -8.46
C THR A 177 -6.28 -13.98 -7.64
N VAL A 178 -5.16 -13.54 -7.05
CA VAL A 178 -4.38 -14.39 -6.14
C VAL A 178 -5.28 -14.97 -5.02
N MET A 179 -6.05 -14.11 -4.38
CA MET A 179 -6.93 -14.55 -3.30
C MET A 179 -7.98 -15.56 -3.81
N LYS A 180 -8.57 -15.27 -4.97
CA LYS A 180 -9.57 -16.18 -5.55
C LYS A 180 -8.98 -17.56 -5.84
N ALA A 181 -7.75 -17.58 -6.38
CA ALA A 181 -7.02 -18.82 -6.64
C ALA A 181 -6.81 -19.63 -5.35
N VAL A 182 -6.36 -18.94 -4.31
CA VAL A 182 -6.16 -19.59 -3.02
C VAL A 182 -7.49 -20.12 -2.49
N ASN A 183 -8.53 -19.28 -2.61
CA ASN A 183 -9.87 -19.64 -2.14
C ASN A 183 -10.43 -20.87 -2.83
N ALA A 184 -10.11 -21.00 -4.12
CA ALA A 184 -10.59 -22.13 -4.95
C ALA A 184 -9.73 -23.38 -4.76
N GLY A 185 -8.59 -23.23 -4.07
CA GLY A 185 -7.62 -24.32 -3.89
C GLY A 185 -6.71 -24.56 -5.09
N GLN A 186 -6.63 -23.59 -6.00
CA GLN A 186 -5.77 -23.73 -7.19
C GLN A 186 -4.29 -23.52 -6.83
N VAL A 187 -4.06 -22.84 -5.71
CA VAL A 187 -2.71 -22.63 -5.13
C VAL A 187 -2.87 -22.56 -3.60
N ASP A 188 -1.88 -23.06 -2.85
CA ASP A 188 -2.07 -23.24 -1.40
C ASP A 188 -2.15 -21.93 -0.64
N SER A 189 -1.41 -20.94 -1.14
CA SER A 189 -1.20 -19.70 -0.40
C SER A 189 -0.78 -18.54 -1.28
N GLY A 190 -0.76 -17.34 -0.69
CA GLY A 190 -0.34 -16.17 -1.44
C GLY A 190 0.11 -15.06 -0.53
N VAL A 191 0.88 -14.13 -1.09
CA VAL A 191 1.33 -12.93 -0.39
C VAL A 191 0.55 -11.75 -0.99
N ILE A 192 -0.35 -11.19 -0.18
CA ILE A 192 -1.17 -10.06 -0.63
C ILE A 192 -1.24 -9.03 0.51
N TYR A 193 -2.20 -8.11 0.45
CA TYR A 193 -2.48 -7.23 1.59
C TYR A 193 -3.76 -7.67 2.33
N HIS A 194 -3.90 -7.21 3.56
CA HIS A 194 -4.91 -7.78 4.45
C HIS A 194 -6.35 -7.46 4.05
N TYR A 195 -6.57 -6.33 3.38
CA TYR A 195 -7.96 -5.82 3.19
C TYR A 195 -8.79 -6.65 2.19
N TYR A 196 -8.10 -7.39 1.29
CA TYR A 196 -8.80 -8.17 0.24
C TYR A 196 -9.95 -9.08 0.75
N PRO A 197 -9.66 -10.01 1.69
CA PRO A 197 -10.77 -10.87 2.14
C PRO A 197 -11.87 -10.11 2.89
N PHE A 198 -11.51 -9.03 3.60
CA PHE A 198 -12.50 -8.20 4.29
C PHE A 198 -13.42 -7.50 3.30
N VAL A 199 -12.82 -6.89 2.25
CA VAL A 199 -13.58 -6.27 1.18
C VAL A 199 -14.55 -7.29 0.55
N ASP A 200 -14.02 -8.47 0.22
CA ASP A 200 -14.85 -9.53 -0.35
C ASP A 200 -15.95 -9.97 0.62
N GLY A 201 -15.62 -10.04 1.92
CA GLY A 201 -16.58 -10.43 2.94
C GLY A 201 -17.74 -9.46 3.05
N ALA A 202 -17.45 -8.17 2.85
CA ALA A 202 -18.47 -7.13 2.84
C ALA A 202 -19.37 -7.18 1.58
N LYS A 203 -18.92 -7.94 0.57
CA LYS A 203 -19.71 -8.12 -0.65
C LYS A 203 -20.43 -9.47 -0.52
N THR A 204 -20.06 -10.44 -1.34
CA THR A 204 -20.71 -11.77 -1.29
C THR A 204 -19.95 -12.80 -0.42
N GLY A 205 -18.65 -12.56 -0.20
CA GLY A 205 -17.83 -13.46 0.61
C GLY A 205 -17.36 -14.69 -0.16
N GLU A 206 -17.79 -14.85 -1.41
CA GLU A 206 -17.59 -16.10 -2.12
C GLU A 206 -16.19 -16.26 -2.75
N ASN A 207 -15.38 -15.20 -2.69
CA ASN A 207 -13.97 -15.27 -3.09
C ASN A 207 -13.02 -15.45 -1.91
N SER A 208 -13.56 -15.62 -0.71
CA SER A 208 -12.77 -15.52 0.53
C SER A 208 -13.26 -16.45 1.65
N ASN A 209 -14.26 -17.26 1.32
CA ASN A 209 -14.94 -18.08 2.33
C ASN A 209 -14.12 -19.30 2.80
N ASN A 210 -13.08 -19.63 2.04
CA ASN A 210 -12.24 -20.80 2.29
C ASN A 210 -10.82 -20.45 2.72
N ILE A 211 -10.55 -19.16 2.88
CA ILE A 211 -9.19 -18.75 3.23
C ILE A 211 -9.05 -18.32 4.69
N LYS A 212 -7.82 -18.35 5.18
CA LYS A 212 -7.45 -17.72 6.44
C LYS A 212 -6.27 -16.78 6.19
N LEU A 213 -6.08 -15.82 7.09
CA LEU A 213 -4.94 -14.92 7.01
C LEU A 213 -3.95 -15.24 8.12
N TYR A 214 -2.68 -15.19 7.77
CA TYR A 214 -1.61 -15.37 8.72
C TYR A 214 -0.73 -14.12 8.63
N TYR A 215 -0.47 -13.51 9.79
CA TYR A 215 0.41 -12.34 9.89
C TYR A 215 1.80 -12.75 10.38
N PHE A 216 2.81 -12.39 9.61
CA PHE A 216 4.17 -12.76 9.95
C PHE A 216 4.62 -12.22 11.32
N LYS A 217 4.28 -10.96 11.62
CA LYS A 217 4.65 -10.28 12.87
C LYS A 217 6.18 -10.27 13.05
N HIS A 218 6.61 -10.08 14.30
CA HIS A 218 8.03 -10.21 14.68
C HIS A 218 8.98 -9.35 13.86
N GLN A 219 8.47 -8.22 13.35
CA GLN A 219 9.29 -7.28 12.55
C GLN A 219 9.98 -7.92 11.34
N ASP A 220 9.39 -9.01 10.86
CA ASP A 220 9.79 -9.67 9.61
C ASP A 220 9.46 -8.77 8.40
N PRO A 221 10.23 -8.89 7.29
CA PRO A 221 9.83 -8.17 6.08
C PRO A 221 8.39 -8.49 5.66
N GLY A 222 7.92 -9.70 5.96
CA GLY A 222 6.53 -10.09 5.65
C GLY A 222 5.48 -9.40 6.51
N ALA A 223 5.90 -8.70 7.57
CA ALA A 223 5.03 -7.93 8.47
C ALA A 223 4.97 -6.47 8.04
N PHE A 224 5.61 -6.17 6.92
CA PHE A 224 5.65 -4.82 6.35
C PHE A 224 4.26 -4.18 6.30
N VAL A 225 4.12 -3.00 6.87
CA VAL A 225 2.89 -2.19 6.75
C VAL A 225 3.15 -1.10 5.70
N SER A 226 2.48 -1.23 4.57
CA SER A 226 2.63 -0.30 3.45
C SER A 226 1.78 0.92 3.72
N ILE A 227 2.39 2.10 3.64
CA ILE A 227 1.68 3.34 3.93
C ILE A 227 1.20 4.02 2.64
N SER A 228 -0.09 4.32 2.56
CA SER A 228 -0.67 5.10 1.44
C SER A 228 -0.28 6.56 1.68
N GLY A 229 0.07 7.29 0.61
CA GLY A 229 0.58 8.66 0.78
C GLY A 229 -0.30 9.73 0.14
N GLY A 230 -0.12 10.95 0.66
CA GLY A 230 -0.76 12.14 0.12
C GLY A 230 0.27 13.24 0.10
N GLY A 231 0.31 13.99 -0.99
CA GLY A 231 1.26 15.09 -1.10
C GLY A 231 0.70 16.19 -1.98
N VAL A 232 1.24 17.40 -1.78
CA VAL A 232 0.82 18.56 -2.53
C VAL A 232 1.98 18.87 -3.49
N LEU A 233 1.65 19.02 -4.77
CA LEU A 233 2.67 19.36 -5.78
C LEU A 233 3.12 20.83 -5.60
N ALA A 234 4.45 21.02 -5.58
CA ALA A 234 5.04 22.37 -5.48
C ALA A 234 4.55 23.31 -6.59
N SER A 235 4.23 22.74 -7.75
CA SER A 235 3.76 23.48 -8.92
C SER A 235 2.29 23.91 -8.78
N SER A 236 1.60 23.45 -7.74
CA SER A 236 0.17 23.76 -7.58
C SER A 236 -0.12 25.25 -7.57
N LYS A 237 -1.09 25.61 -8.41
CA LYS A 237 -1.69 26.94 -8.48
C LYS A 237 -2.67 27.19 -7.31
N HIS A 238 -3.01 26.13 -6.59
CA HIS A 238 -4.00 26.23 -5.53
C HIS A 238 -3.47 25.60 -4.24
N GLN A 239 -2.29 26.07 -3.79
CA GLN A 239 -1.60 25.45 -2.63
C GLN A 239 -2.49 25.39 -1.39
N GLN A 240 -3.14 26.53 -1.08
CA GLN A 240 -4.01 26.57 0.09
C GLN A 240 -5.09 25.47 0.04
N GLN A 241 -5.73 25.29 -1.11
CA GLN A 241 -6.79 24.31 -1.24
C GLN A 241 -6.24 22.88 -1.22
N ALA A 242 -5.04 22.70 -1.80
CA ALA A 242 -4.40 21.40 -1.85
C ALA A 242 -3.98 21.02 -0.42
N GLN A 243 -3.38 21.95 0.30
CA GLN A 243 -3.01 21.69 1.70
C GLN A 243 -4.27 21.34 2.50
N ALA A 244 -5.37 22.06 2.23
CA ALA A 244 -6.64 21.83 2.94
C ALA A 244 -7.17 20.42 2.71
N PHE A 245 -7.02 19.94 1.47
CA PHE A 245 -7.48 18.61 1.14
C PHE A 245 -6.70 17.57 1.95
N ILE A 246 -5.38 17.65 1.91
CA ILE A 246 -4.58 16.71 2.72
C ILE A 246 -4.89 16.82 4.21
N LYS A 247 -5.04 18.04 4.73
CA LYS A 247 -5.43 18.16 6.13
C LYS A 247 -6.79 17.51 6.42
N TRP A 248 -7.73 17.62 5.46
CA TRP A 248 -9.08 17.10 5.65
C TRP A 248 -9.06 15.56 5.70
N ILE A 249 -8.37 14.94 4.76
CA ILE A 249 -8.39 13.46 4.68
C ILE A 249 -7.57 12.80 5.80
N THR A 250 -6.60 13.53 6.34
CA THR A 250 -5.78 13.01 7.44
C THR A 250 -6.35 13.44 8.81
N GLY A 251 -7.35 14.33 8.77
CA GLY A 251 -8.06 14.74 9.98
C GLY A 251 -9.16 13.78 10.40
N LYS A 252 -9.96 14.18 11.37
CA LYS A 252 -11.03 13.31 11.89
C LYS A 252 -12.03 12.90 10.80
N GLN A 253 -12.37 13.82 9.89
CA GLN A 253 -13.42 13.56 8.89
C GLN A 253 -12.94 12.53 7.88
N GLY A 254 -11.67 12.65 7.49
CA GLY A 254 -11.09 11.70 6.56
C GLY A 254 -10.87 10.35 7.22
N GLN A 255 -10.33 10.38 8.43
CA GLN A 255 -9.92 9.14 9.07
C GLN A 255 -11.10 8.29 9.58
N GLU A 256 -12.18 8.93 10.00
CA GLU A 256 -13.35 8.15 10.44
C GLU A 256 -13.97 7.32 9.30
N ILE A 257 -13.88 7.86 8.08
CA ILE A 257 -14.36 7.16 6.88
C ILE A 257 -13.61 5.84 6.72
N LEU A 258 -12.31 5.83 7.00
CA LEU A 258 -11.54 4.59 6.97
C LEU A 258 -12.08 3.54 7.97
N ARG A 259 -12.52 4.01 9.12
CA ARG A 259 -13.07 3.12 10.14
C ARG A 259 -14.39 2.47 9.69
N THR A 260 -15.23 3.26 9.04
CA THR A 260 -16.65 2.93 8.83
C THR A 260 -16.98 2.34 7.47
N ASN A 261 -16.13 2.58 6.47
CA ASN A 261 -16.43 2.19 5.09
C ASN A 261 -16.15 0.72 4.80
N ASN A 262 -16.19 0.35 3.52
CA ASN A 262 -15.99 -1.05 3.16
C ASN A 262 -14.67 -1.32 2.47
N ALA A 263 -13.69 -0.45 2.73
CA ALA A 263 -12.35 -0.59 2.14
C ALA A 263 -11.43 -1.39 3.06
N PHE A 264 -11.67 -1.30 4.39
CA PHE A 264 -10.89 -2.02 5.40
C PHE A 264 -9.39 -1.68 5.40
N GLU A 265 -9.06 -0.46 5.02
CA GLU A 265 -7.66 -0.01 5.16
C GLU A 265 -7.54 0.76 6.48
N TYR A 266 -6.34 0.70 7.06
CA TYR A 266 -6.14 1.22 8.40
C TYR A 266 -6.09 2.74 8.42
N ALA A 267 -6.65 3.33 9.47
CA ALA A 267 -6.43 4.74 9.78
C ALA A 267 -5.01 4.96 10.36
N VAL A 268 -4.41 6.10 10.01
CA VAL A 268 -3.07 6.47 10.48
C VAL A 268 -3.09 7.73 11.36
N GLY A 269 -4.27 8.32 11.53
CA GLY A 269 -4.39 9.54 12.33
C GLY A 269 -4.08 9.26 13.78
N VAL A 270 -3.52 10.25 14.47
CA VAL A 270 -3.34 10.19 15.91
C VAL A 270 -4.71 9.94 16.58
N GLY A 271 -4.79 8.89 17.38
CA GLY A 271 -6.03 8.50 18.10
C GLY A 271 -7.14 7.96 17.21
N ALA A 272 -6.82 7.72 15.94
CA ALA A 272 -7.82 7.23 15.00
C ALA A 272 -7.97 5.71 15.06
N ALA A 273 -9.18 5.25 15.38
CA ALA A 273 -9.46 3.82 15.42
C ALA A 273 -9.70 3.32 14.00
N SER A 274 -9.28 2.07 13.74
CA SER A 274 -9.57 1.44 12.45
C SER A 274 -10.82 0.55 12.58
N ASN A 275 -11.22 -0.04 11.44
CA ASN A 275 -12.36 -0.94 11.40
C ASN A 275 -12.21 -2.02 12.47
N PRO A 276 -13.28 -2.23 13.27
CA PRO A 276 -13.17 -3.17 14.40
C PRO A 276 -12.89 -4.63 14.02
N LYS A 277 -13.17 -4.99 12.76
CA LYS A 277 -12.87 -6.34 12.24
C LYS A 277 -11.36 -6.60 12.08
N LEU A 278 -10.56 -5.53 12.03
CA LEU A 278 -9.12 -5.64 11.71
C LEU A 278 -8.24 -5.91 12.93
N VAL A 279 -7.13 -6.61 12.72
CA VAL A 279 -6.11 -6.73 13.78
C VAL A 279 -5.56 -5.32 14.06
N PRO A 280 -5.56 -4.88 15.33
CA PRO A 280 -5.02 -3.54 15.61
C PRO A 280 -3.59 -3.40 15.07
N LEU A 281 -3.27 -2.24 14.46
CA LEU A 281 -1.94 -2.00 13.88
C LEU A 281 -0.80 -2.31 14.84
N LYS A 282 -0.95 -1.87 16.10
CA LYS A 282 0.09 -2.11 17.10
C LYS A 282 0.39 -3.60 17.30
N ASP A 283 -0.61 -4.44 17.06
CA ASP A 283 -0.47 -5.88 17.27
C ASP A 283 0.21 -6.60 16.13
N LEU A 284 0.48 -5.90 15.02
CA LEU A 284 1.13 -6.54 13.89
C LEU A 284 2.63 -6.61 14.03
N ASP A 285 3.20 -5.78 14.91
CA ASP A 285 4.66 -5.74 15.13
C ASP A 285 5.41 -5.60 13.79
N ALA A 286 5.00 -4.60 13.01
CA ALA A 286 5.64 -4.32 11.73
C ALA A 286 7.11 -3.88 11.90
N PRO A 287 7.98 -4.20 10.91
CA PRO A 287 9.37 -3.74 10.92
C PRO A 287 9.40 -2.21 10.79
N LYS A 288 10.41 -1.57 11.35
CA LYS A 288 10.57 -0.15 11.10
C LYS A 288 11.19 0.02 9.72
N VAL A 289 10.43 0.67 8.84
CA VAL A 289 10.85 0.84 7.45
C VAL A 289 10.67 2.32 7.12
N ASP A 290 11.76 2.97 6.73
CA ASP A 290 11.77 4.36 6.32
C ASP A 290 11.20 4.48 4.89
N ALA A 291 9.96 4.99 4.78
CA ALA A 291 9.24 5.01 3.51
C ALA A 291 9.97 5.88 2.49
N ALA A 292 10.71 6.90 2.98
CA ALA A 292 11.43 7.81 2.09
C ALA A 292 12.61 7.11 1.39
N GLN A 293 13.02 5.96 1.92
CA GLN A 293 14.16 5.20 1.38
C GLN A 293 13.73 4.16 0.35
N LEU A 294 12.42 3.94 0.21
CA LEU A 294 11.92 2.88 -0.64
C LEU A 294 12.20 3.24 -2.11
N ASN A 295 12.63 2.25 -2.89
CA ASN A 295 13.21 2.53 -4.21
C ASN A 295 12.54 1.68 -5.29
N SER A 296 11.46 2.20 -5.89
CA SER A 296 10.71 1.41 -6.89
C SER A 296 11.53 1.11 -8.14
N LYS A 297 12.41 2.04 -8.54
CA LYS A 297 13.28 1.79 -9.71
C LYS A 297 14.19 0.58 -9.50
N LYS A 298 14.86 0.54 -8.36
CA LYS A 298 15.73 -0.59 -8.04
C LYS A 298 14.94 -1.89 -7.93
N VAL A 299 13.74 -1.84 -7.35
CA VAL A 299 12.88 -3.04 -7.26
C VAL A 299 12.57 -3.59 -8.66
N VAL A 300 12.17 -2.71 -9.58
CA VAL A 300 11.87 -3.10 -10.97
C VAL A 300 13.11 -3.71 -11.63
N GLU A 301 14.26 -3.05 -11.45
CA GLU A 301 15.54 -3.57 -11.92
C GLU A 301 15.81 -5.00 -11.44
N LEU A 302 15.74 -5.20 -10.13
CA LEU A 302 16.00 -6.53 -9.54
C LEU A 302 14.98 -7.58 -9.91
N MET A 303 13.69 -7.20 -9.88
CA MET A 303 12.65 -8.14 -10.32
C MET A 303 12.77 -8.52 -11.80
N THR A 304 13.24 -7.58 -12.62
CA THR A 304 13.48 -7.86 -14.04
C THR A 304 14.67 -8.82 -14.18
N GLU A 305 15.75 -8.57 -13.44
CA GLU A 305 16.90 -9.49 -13.41
C GLU A 305 16.47 -10.92 -13.04
N ALA A 306 15.50 -11.01 -12.13
CA ALA A 306 15.03 -12.32 -11.64
C ALA A 306 14.01 -12.97 -12.58
N GLY A 307 13.64 -12.29 -13.66
CA GLY A 307 12.68 -12.83 -14.63
C GLY A 307 11.21 -12.76 -14.21
N LEU A 308 10.93 -11.89 -13.24
CA LEU A 308 9.57 -11.74 -12.73
C LEU A 308 8.75 -10.70 -13.48
N LEU A 309 9.42 -9.82 -14.22
CA LEU A 309 8.75 -8.77 -14.99
C LEU A 309 9.19 -8.80 -16.46
#